data_4G5I
#
_entry.id   4G5I
#
_cell.length_a   68.860
_cell.length_b   68.860
_cell.length_c   70.180
_cell.angle_alpha   90.00
_cell.angle_beta   90.00
_cell.angle_gamma   120.00
#
_symmetry.space_group_name_H-M   'P 31 2 1'
#
loop_
_entity.id
_entity.type
_entity.pdbx_description
1 polymer 'Phospholipase A2, major isoenzyme'
2 non-polymer 'CALCIUM ION'
3 non-polymer 'CHLORIDE ION'
4 non-polymer 'dibutyl benzene-1,2-dicarboxylate'
5 water water
#
_entity_poly.entity_id   1
_entity_poly.type   'polypeptide(L)'
_entity_poly.pdbx_seq_one_letter_code
;ALWQFRSMIKCAIPGSHPLMDFNNYGCYCGLGGSGTPVDELDRCCETHDNCYRDAKNLDSCKFLVDNPYTESYSYSCSNT
EITCNSKNNACEAFICNCDRNAAICFSKAPYNKEHKNLDTKKYC
;
_entity_poly.pdbx_strand_id   A
#
loop_
_chem_comp.id
_chem_comp.type
_chem_comp.name
_chem_comp.formula
CA non-polymer 'CALCIUM ION' 'Ca 2'
CL non-polymer 'CHLORIDE ION' 'Cl -1'
DB7 non-polymer 'dibutyl benzene-1,2-dicarboxylate' 'C16 H22 O4'
#
# COMPACT_ATOMS: atom_id res chain seq x y z
N ALA A 1 -6.74 7.19 -2.16
CA ALA A 1 -7.81 6.71 -1.21
C ALA A 1 -7.73 5.23 -1.34
N LEU A 2 -8.28 4.52 -0.39
CA LEU A 2 -8.12 3.06 -0.33
C LEU A 2 -8.55 2.37 -1.63
N TRP A 3 -9.71 2.71 -2.15
CA TRP A 3 -10.14 2.08 -3.38
C TRP A 3 -9.15 2.32 -4.50
N GLN A 4 -8.40 3.41 -4.49
CA GLN A 4 -7.56 3.68 -5.64
C GLN A 4 -6.28 2.85 -5.58
N PHE A 5 -5.88 2.48 -4.37
CA PHE A 5 -4.72 1.67 -4.14
C PHE A 5 -5.03 0.25 -4.59
N ARG A 6 -6.19 -0.31 -4.23
CA ARG A 6 -6.54 -1.61 -4.77
C ARG A 6 -6.49 -1.60 -6.27
N SER A 7 -7.08 -0.57 -6.86
CA SER A 7 -7.10 -0.44 -8.28
C SER A 7 -5.67 -0.25 -8.88
N MET A 8 -4.78 0.48 -8.21
CA MET A 8 -3.37 0.48 -8.57
C MET A 8 -2.67 -0.91 -8.59
N ILE A 9 -3.08 -1.79 -7.69
CA ILE A 9 -2.45 -3.05 -7.52
C ILE A 9 -2.88 -3.89 -8.71
N LYS A 10 -4.15 -3.79 -9.05
CA LYS A 10 -4.69 -4.48 -10.19
C LYS A 10 -4.03 -3.93 -11.46
N CYS A 11 -3.74 -2.64 -11.50
CA CYS A 11 -2.95 -2.12 -12.58
C CYS A 11 -1.59 -2.86 -12.69
N ALA A 12 -0.84 -2.96 -11.58
CA ALA A 12 0.52 -3.47 -11.66
C ALA A 12 0.58 -4.98 -11.75
N ILE A 13 -0.49 -5.67 -11.33
CA ILE A 13 -0.55 -7.14 -11.30
C ILE A 13 -1.93 -7.50 -11.78
N PRO A 14 -2.15 -7.49 -13.10
CA PRO A 14 -3.51 -7.72 -13.66
C PRO A 14 -4.20 -9.03 -13.20
N GLY A 15 -3.41 -10.04 -12.81
CA GLY A 15 -4.01 -11.29 -12.32
C GLY A 15 -4.73 -11.18 -10.96
N SER A 16 -4.44 -10.12 -10.20
CA SER A 16 -4.65 -10.10 -8.73
C SER A 16 -6.05 -9.75 -8.29
N HIS A 17 -6.54 -10.41 -7.25
CA HIS A 17 -7.63 -9.88 -6.47
C HIS A 17 -7.04 -9.21 -5.22
N PRO A 18 -6.81 -7.87 -5.25
CA PRO A 18 -5.97 -7.26 -4.20
C PRO A 18 -6.45 -7.54 -2.78
N LEU A 19 -7.76 -7.42 -2.54
CA LEU A 19 -8.26 -7.62 -1.20
C LEU A 19 -7.94 -9.03 -0.76
N MET A 20 -8.17 -10.04 -1.61
CA MET A 20 -7.87 -11.42 -1.20
C MET A 20 -6.36 -11.79 -1.25
N ASP A 21 -5.57 -11.14 -2.09
CA ASP A 21 -4.15 -11.49 -2.19
C ASP A 21 -3.25 -10.89 -1.13
N PHE A 22 -3.45 -9.59 -0.87
CA PHE A 22 -2.56 -8.77 -0.07
C PHE A 22 -3.14 -8.31 1.25
N ASN A 23 -4.42 -8.48 1.53
CA ASN A 23 -4.95 -8.18 2.86
C ASN A 23 -4.66 -9.34 3.82
N ASN A 24 -4.22 -9.03 5.03
CA ASN A 24 -3.82 -10.09 5.96
C ASN A 24 -2.82 -11.05 5.29
N TYR A 25 -1.70 -10.49 4.84
CA TYR A 25 -0.54 -11.25 4.44
C TYR A 25 0.63 -10.83 5.37
N GLY A 26 1.30 -11.83 5.95
CA GLY A 26 2.46 -11.58 6.73
C GLY A 26 2.13 -10.77 7.96
N CYS A 27 3.10 -9.94 8.42
CA CYS A 27 2.96 -9.18 9.64
C CYS A 27 2.50 -7.78 9.39
N TYR A 28 2.66 -7.30 8.15
CA TYR A 28 2.39 -5.87 7.84
C TYR A 28 1.25 -5.54 6.88
N CYS A 29 0.93 -6.47 5.98
CA CYS A 29 -0.14 -6.30 5.01
C CYS A 29 -1.51 -6.46 5.65
N GLY A 30 -2.25 -5.39 5.84
CA GLY A 30 -3.33 -5.50 6.85
C GLY A 30 -3.30 -4.31 7.79
N LEU A 31 -4.38 -4.19 8.57
CA LEU A 31 -4.53 -3.16 9.63
C LEU A 31 -3.35 -3.25 10.61
N GLY A 32 -2.63 -2.15 10.78
CA GLY A 32 -1.41 -2.10 11.58
C GLY A 32 -0.37 -3.15 11.15
N GLY A 33 0.38 -3.66 12.14
CA GLY A 33 1.51 -4.54 11.91
C GLY A 33 2.30 -4.60 13.20
N SER A 34 3.19 -5.59 13.29
CA SER A 34 4.02 -5.73 14.48
C SER A 34 5.22 -6.56 14.11
N GLY A 35 6.30 -6.43 14.89
CA GLY A 35 7.45 -7.32 14.70
C GLY A 35 8.17 -6.96 13.41
N THR A 36 8.82 -7.94 12.83
CA THR A 36 9.65 -7.79 11.68
C THR A 36 8.96 -8.51 10.55
N PRO A 37 8.94 -7.88 9.33
CA PRO A 37 8.29 -8.45 8.17
C PRO A 37 8.93 -9.78 7.91
N VAL A 38 8.15 -10.75 7.38
CA VAL A 38 8.57 -12.16 7.19
C VAL A 38 9.20 -12.41 5.82
N ASP A 39 8.88 -11.58 4.83
CA ASP A 39 9.53 -11.68 3.51
C ASP A 39 9.55 -10.34 2.80
N GLU A 40 9.93 -10.26 1.55
CA GLU A 40 9.98 -8.91 0.94
C GLU A 40 8.62 -8.30 0.57
N LEU A 41 7.64 -9.16 0.20
CA LEU A 41 6.26 -8.69 0.05
C LEU A 41 5.72 -7.96 1.35
N ASP A 42 5.71 -8.67 2.48
CA ASP A 42 5.45 -8.08 3.82
C ASP A 42 6.26 -6.80 4.07
N ARG A 43 7.50 -6.72 3.58
CA ARG A 43 8.33 -5.49 3.84
C ARG A 43 7.83 -4.31 2.99
N CYS A 44 7.33 -4.62 1.79
CA CYS A 44 6.65 -3.61 0.94
C CYS A 44 5.51 -3.03 1.75
N CYS A 45 4.75 -3.91 2.42
CA CYS A 45 3.62 -3.51 3.25
C CYS A 45 4.06 -2.70 4.44
N GLU A 46 5.12 -3.16 5.12
CA GLU A 46 5.66 -2.37 6.24
C GLU A 46 6.13 -0.99 5.76
N THR A 47 6.87 -0.97 4.65
CA THR A 47 7.22 0.35 4.02
C THR A 47 5.99 1.23 3.69
N HIS A 48 4.92 0.62 3.13
CA HIS A 48 3.63 1.37 2.90
C HIS A 48 3.06 1.95 4.21
N ASP A 49 2.92 1.09 5.23
CA ASP A 49 2.52 1.55 6.56
C ASP A 49 3.33 2.81 7.04
N ASN A 50 4.67 2.73 6.93
CA ASN A 50 5.54 3.84 7.34
C ASN A 50 5.42 5.06 6.45
N CYS A 51 5.17 4.83 5.14
CA CYS A 51 4.90 5.91 4.22
C CYS A 51 3.63 6.65 4.72
N TYR A 52 2.64 5.91 5.13
CA TYR A 52 1.45 6.58 5.65
C TYR A 52 1.72 7.34 6.96
N ARG A 53 2.56 6.75 7.83
CA ARG A 53 2.93 7.33 9.13
C ARG A 53 3.62 8.63 8.84
N ASP A 54 4.54 8.66 7.89
CA ASP A 54 5.17 9.95 7.48
C ASP A 54 4.21 11.03 6.96
N ALA A 55 3.27 10.64 6.10
CA ALA A 55 2.31 11.56 5.52
C ALA A 55 1.45 12.24 6.61
N LYS A 56 1.05 11.46 7.60
CA LYS A 56 0.40 11.99 8.78
C LYS A 56 1.28 12.96 9.57
N ASN A 57 2.60 12.90 9.41
CA ASN A 57 3.49 13.87 10.08
C ASN A 57 3.68 15.14 9.30
N LEU A 58 3.07 15.23 8.11
CA LEU A 58 3.21 16.40 7.29
C LEU A 58 2.28 17.42 7.90
N ASP A 59 2.84 18.40 8.56
CA ASP A 59 2.02 19.35 9.34
C ASP A 59 1.14 20.03 8.30
N SER A 60 1.63 20.04 7.05
CA SER A 60 0.90 20.55 5.89
C SER A 60 -0.51 19.83 5.65
N CYS A 61 -0.61 18.57 6.09
CA CYS A 61 -1.66 17.65 5.66
C CYS A 61 -2.53 17.23 6.82
N LYS A 62 -3.84 17.41 6.73
CA LYS A 62 -4.75 16.90 7.77
C LYS A 62 -5.87 16.02 7.17
N PHE A 63 -5.73 14.71 7.24
CA PHE A 63 -6.67 13.83 6.55
C PHE A 63 -7.97 13.63 7.26
N LEU A 64 -9.07 13.51 6.53
CA LEU A 64 -10.34 13.17 7.15
C LEU A 64 -10.12 11.93 8.05
N VAL A 65 -10.61 12.04 9.30
CA VAL A 65 -10.53 10.98 10.34
C VAL A 65 -9.10 10.46 10.48
N ASP A 66 -8.15 11.35 10.15
CA ASP A 66 -6.70 11.12 10.27
C ASP A 66 -6.21 9.89 9.52
N ASN A 67 -6.91 9.57 8.43
CA ASN A 67 -6.56 8.36 7.73
C ASN A 67 -6.25 8.76 6.31
N PRO A 68 -4.98 8.61 5.88
CA PRO A 68 -4.66 8.99 4.50
C PRO A 68 -5.42 8.14 3.52
N TYR A 69 -5.96 6.99 3.94
CA TYR A 69 -6.75 6.17 3.02
C TYR A 69 -8.02 6.89 2.56
N THR A 70 -8.39 7.97 3.25
CA THR A 70 -9.58 8.68 2.88
C THR A 70 -9.33 9.65 1.80
N GLU A 71 -8.09 9.94 1.50
CA GLU A 71 -7.74 11.01 0.57
C GLU A 71 -7.58 10.47 -0.85
N SER A 72 -8.39 11.03 -1.75
CA SER A 72 -8.42 10.66 -3.15
C SER A 72 -7.46 11.58 -3.91
N TYR A 73 -6.77 10.97 -4.85
CA TYR A 73 -5.83 11.71 -5.65
C TYR A 73 -6.21 11.30 -7.08
N SER A 74 -5.42 11.76 -8.03
CA SER A 74 -5.64 11.41 -9.40
C SER A 74 -4.47 10.58 -9.94
N TYR A 75 -4.77 9.46 -10.56
CA TYR A 75 -3.70 8.75 -11.17
C TYR A 75 -4.20 8.07 -12.44
N SER A 76 -3.30 7.52 -13.22
CA SER A 76 -3.77 6.62 -14.29
C SER A 76 -2.92 5.37 -14.47
N CYS A 77 -3.56 4.37 -15.08
CA CYS A 77 -2.90 3.14 -15.48
C CYS A 77 -2.80 2.99 -17.00
N SER A 78 -1.56 2.92 -17.52
CA SER A 78 -1.31 2.53 -18.92
C SER A 78 -0.33 1.36 -19.05
N ASN A 79 -0.81 0.24 -19.61
CA ASN A 79 -0.03 -1.01 -19.76
C ASN A 79 0.81 -1.27 -18.51
N THR A 80 0.13 -1.50 -17.40
CA THR A 80 0.86 -1.97 -16.26
C THR A 80 1.66 -0.89 -15.53
N GLU A 81 1.82 0.28 -16.16
CA GLU A 81 2.54 1.39 -15.56
C GLU A 81 1.57 2.38 -14.86
N ILE A 82 1.89 2.76 -13.62
CA ILE A 82 1.08 3.74 -12.83
C ILE A 82 1.66 5.13 -12.94
N THR A 83 0.82 6.13 -13.19
CA THR A 83 1.28 7.48 -13.17
C THR A 83 0.48 8.33 -12.15
N CYS A 84 1.17 8.96 -11.22
CA CYS A 84 0.55 9.93 -10.37
C CYS A 84 0.49 11.28 -11.09
N ASN A 85 -0.73 11.81 -11.17
CA ASN A 85 -0.96 13.11 -11.75
C ASN A 85 -0.17 14.19 -11.06
N SER A 86 0.48 15.04 -11.84
CA SER A 86 1.29 16.08 -11.27
C SER A 86 0.43 17.18 -10.68
N LYS A 87 -0.86 17.23 -11.00
CA LYS A 87 -1.73 18.27 -10.47
C LYS A 87 -2.34 17.92 -9.07
N ASN A 88 -2.07 16.70 -8.58
CA ASN A 88 -2.33 16.34 -7.16
C ASN A 88 -1.62 17.33 -6.26
N ASN A 89 -2.28 17.83 -5.21
CA ASN A 89 -1.58 18.65 -4.22
C ASN A 89 -0.53 17.83 -3.44
N ALA A 90 0.30 18.54 -2.69
CA ALA A 90 1.44 17.97 -2.00
C ALA A 90 1.05 16.77 -1.11
N CYS A 91 -0.08 16.86 -0.42
CA CYS A 91 -0.56 15.72 0.42
C CYS A 91 -1.01 14.54 -0.41
N GLU A 92 -1.80 14.83 -1.44
CA GLU A 92 -2.27 13.80 -2.43
C GLU A 92 -1.14 13.16 -3.15
N ALA A 93 -0.18 13.99 -3.60
CA ALA A 93 1.00 13.42 -4.28
C ALA A 93 1.73 12.46 -3.34
N PHE A 94 1.91 12.83 -2.06
CA PHE A 94 2.58 11.96 -1.08
C PHE A 94 1.89 10.63 -0.97
N ILE A 95 0.58 10.64 -0.68
CA ILE A 95 -0.21 9.41 -0.66
C ILE A 95 -0.19 8.63 -1.97
N CYS A 96 -0.34 9.36 -3.11
CA CYS A 96 -0.23 8.69 -4.42
C CYS A 96 1.09 7.91 -4.55
N ASN A 97 2.22 8.52 -4.18
CA ASN A 97 3.50 7.82 -4.20
C ASN A 97 3.65 6.68 -3.26
N CYS A 98 3.12 6.80 -2.04
CA CYS A 98 3.06 5.63 -1.13
C CYS A 98 2.40 4.45 -1.83
N ASP A 99 1.29 4.70 -2.51
CA ASP A 99 0.47 3.63 -3.09
C ASP A 99 1.14 3.09 -4.34
N ARG A 100 1.64 3.96 -5.19
CA ARG A 100 2.35 3.50 -6.38
C ARG A 100 3.63 2.67 -6.09
N ASN A 101 4.48 3.20 -5.23
CA ASN A 101 5.64 2.46 -4.76
C ASN A 101 5.26 1.17 -4.14
N ALA A 102 4.17 1.11 -3.39
CA ALA A 102 3.74 -0.17 -2.84
C ALA A 102 3.23 -1.09 -3.92
N ALA A 103 2.37 -0.64 -4.85
CA ALA A 103 1.89 -1.52 -5.95
C ALA A 103 3.06 -2.08 -6.80
N ILE A 104 4.02 -1.25 -7.15
CA ILE A 104 5.18 -1.68 -7.92
C ILE A 104 6.01 -2.71 -7.11
N CYS A 105 6.28 -2.41 -5.82
CA CYS A 105 6.93 -3.33 -4.86
C CYS A 105 6.16 -4.66 -4.80
N PHE A 106 4.83 -4.65 -4.56
CA PHE A 106 4.11 -5.92 -4.53
C PHE A 106 4.34 -6.64 -5.85
N SER A 107 4.53 -5.91 -6.96
CA SER A 107 4.52 -6.57 -8.28
C SER A 107 5.78 -7.43 -8.55
N LYS A 108 6.90 -6.99 -7.95
CA LYS A 108 8.22 -7.59 -8.04
C LYS A 108 8.62 -8.50 -6.83
N ALA A 109 7.76 -8.71 -5.81
CA ALA A 109 8.15 -9.50 -4.65
C ALA A 109 7.58 -10.90 -4.76
N PRO A 110 8.37 -11.92 -4.36
CA PRO A 110 7.78 -13.26 -4.48
C PRO A 110 6.55 -13.39 -3.57
N TYR A 111 5.53 -14.13 -4.02
CA TYR A 111 4.33 -14.25 -3.26
C TYR A 111 4.39 -15.58 -2.58
N ASN A 112 4.52 -15.59 -1.25
CA ASN A 112 4.62 -16.86 -0.49
C ASN A 112 3.28 -17.23 0.13
N LYS A 113 2.62 -18.25 -0.42
CA LYS A 113 1.31 -18.62 0.11
C LYS A 113 1.26 -19.00 1.62
N GLU A 114 2.37 -19.44 2.22
CA GLU A 114 2.33 -19.74 3.66
C GLU A 114 2.12 -18.49 4.54
N HIS A 115 2.31 -17.31 3.94
CA HIS A 115 2.29 -16.09 4.68
C HIS A 115 0.97 -15.36 4.61
N LYS A 116 0.04 -15.93 3.84
CA LYS A 116 -1.35 -15.42 3.80
C LYS A 116 -2.04 -15.85 5.10
N ASN A 117 -2.71 -14.92 5.78
CA ASN A 117 -3.29 -15.22 7.09
C ASN A 117 -2.27 -15.91 8.01
N LEU A 118 -1.07 -15.32 8.12
CA LEU A 118 -0.06 -15.76 9.07
C LEU A 118 -0.68 -15.67 10.46
N ASP A 119 -0.30 -16.59 11.34
CA ASP A 119 -0.61 -16.44 12.77
C ASP A 119 0.30 -15.34 13.32
N THR A 120 -0.21 -14.11 13.38
CA THR A 120 0.62 -12.95 13.67
C THR A 120 0.95 -12.83 15.15
N LYS A 121 0.05 -13.28 16.00
CA LYS A 121 0.28 -13.30 17.45
C LYS A 121 1.53 -14.14 17.78
N LYS A 122 1.74 -15.22 17.03
CA LYS A 122 2.91 -16.09 17.16
C LYS A 122 4.13 -15.61 16.37
N TYR A 123 3.96 -15.22 15.11
CA TYR A 123 5.11 -15.03 14.25
C TYR A 123 5.58 -13.60 14.03
N CYS A 124 4.86 -12.66 14.58
CA CYS A 124 5.13 -11.28 14.23
C CYS A 124 5.51 -10.54 15.47
CA CA B . -0.25 -2.54 7.69
CA CA C . -8.51 14.89 -2.56
CA CA D . -3.20 -3.98 2.09
CL CL E . -5.77 -4.04 0.19
C1 DB7 F . -8.39 0.34 6.98
C2 DB7 F . -7.26 -0.47 6.57
C3 DB7 F . -7.48 -1.57 5.72
C4 DB7 F . -8.76 -1.85 5.26
C5 DB7 F . -9.84 -1.05 5.64
C6 DB7 F . -9.67 0.04 6.49
C7 DB7 F . -8.29 1.60 7.90
C8 DB7 F . -5.74 -0.25 7.03
C13 DB7 F . -4.01 0.88 8.36
C14 DB7 F . -3.95 1.76 9.62
C15 DB7 F . -3.56 0.97 10.87
C16 DB7 F . -3.62 1.83 12.14
O9 DB7 F . -5.34 0.89 7.75
O11 DB7 F . -4.89 -1.09 6.71
O12 DB7 F . -8.14 2.71 7.37
O10 DB7 F . -8.43 1.55 9.29
C17 DB7 F . -8.35 2.84 10.05
C18 DB7 F . -7.13 3.16 10.99
C19 DB7 F . -7.38 4.41 11.86
C20 DB7 F . -6.30 5.48 11.63
#